data_5G3A
#
_entry.id   5G3A
#
_cell.length_a   54.695
_cell.length_b   54.695
_cell.length_c   192.405
_cell.angle_alpha   90.00
_cell.angle_beta   90.00
_cell.angle_gamma   120.00
#
_symmetry.space_group_name_H-M   'P 61 2 2'
#
loop_
_entity.id
_entity.type
_entity.pdbx_description
1 polymer 'PHOTOSYSTEM II MANGANESE-STABILIZING POLYPEPTIDE'
2 non-polymer 'CALCIUM ION'
3 water water
#
_entity_poly.entity_id   1
_entity_poly.type   'polypeptide(L)'
_entity_poly.pdbx_seq_one_letter_code
;CPTLDDTARGAYPIDSSQTYRIARLCLQPTTFLVKENGEFVPTKLVTRETTSLDQIQGELKVNSDGSLTFVEEDGIDFQP
VTVQMAGGERIPLLFTVKNLVASTQPNVTSITTSTDFKGEFNVNGTKGQISLNVAKVDGRTGEIAGTFESEQLSNGHEVK
IQGVFYASIEPA
;
_entity_poly.pdbx_strand_id   A
#
loop_
_chem_comp.id
_chem_comp.type
_chem_comp.name
_chem_comp.formula
CA non-polymer 'CALCIUM ION' 'Ca 2'
#
# COMPACT_ATOMS: atom_id res chain seq x y z
N CYS A 1 -0.71 11.63 -3.97
CA CYS A 1 -1.74 11.26 -3.01
C CYS A 1 -2.02 12.39 -2.02
N PRO A 2 -3.12 12.28 -1.28
CA PRO A 2 -3.40 13.27 -0.23
C PRO A 2 -2.38 13.18 0.90
N THR A 3 -2.40 14.23 1.72
CA THR A 3 -1.51 14.35 2.87
C THR A 3 -2.33 14.68 4.11
N LEU A 4 -1.73 14.43 5.27
CA LEU A 4 -2.39 14.74 6.54
C LEU A 4 -2.22 16.22 6.88
N ASP A 5 -3.11 16.71 7.75
CA ASP A 5 -2.96 18.04 8.31
C ASP A 5 -1.68 18.12 9.14
N ASP A 6 -1.07 19.32 9.16
CA ASP A 6 0.20 19.49 9.87
C ASP A 6 0.06 19.27 11.38
N THR A 7 -1.14 19.43 11.91
CA THR A 7 -1.39 19.21 13.33
C THR A 7 -1.94 17.82 13.64
N ALA A 8 -2.03 16.94 12.63
CA ALA A 8 -2.51 15.59 12.86
C ALA A 8 -1.72 14.94 13.98
N ARG A 9 -2.43 14.27 14.89
CA ARG A 9 -1.79 13.67 16.05
C ARG A 9 -2.69 12.57 16.60
N GLY A 10 -2.08 11.73 17.44
CA GLY A 10 -2.80 10.76 18.23
C GLY A 10 -2.80 9.37 17.62
N ALA A 11 -3.71 8.58 18.15
CA ALA A 11 -4.08 7.27 17.67
C ALA A 11 -5.53 7.32 17.25
N TYR A 12 -5.92 6.40 16.37
CA TYR A 12 -7.31 6.24 15.96
C TYR A 12 -7.91 5.03 16.65
N PRO A 13 -8.72 5.22 17.69
CA PRO A 13 -9.23 4.06 18.44
C PRO A 13 -10.11 3.17 17.58
N ILE A 14 -10.07 1.87 17.87
CA ILE A 14 -10.91 0.88 17.21
C ILE A 14 -11.83 0.28 18.25
N ASP A 15 -13.13 0.53 18.09
CA ASP A 15 -14.14 -0.02 18.97
C ASP A 15 -14.48 -1.42 18.51
N SER A 16 -14.23 -2.40 19.37
CA SER A 16 -14.45 -3.80 19.02
C SER A 16 -15.92 -4.10 18.78
N SER A 17 -16.85 -3.23 19.17
CA SER A 17 -18.27 -3.45 18.91
C SER A 17 -18.69 -2.90 17.56
N GLN A 18 -17.74 -2.35 16.81
N GLN A 18 -17.78 -2.28 16.83
CA GLN A 18 -17.97 -1.66 15.55
CA GLN A 18 -18.08 -1.73 15.52
C GLN A 18 -17.16 -2.34 14.47
C GLN A 18 -17.25 -2.46 14.48
N THR A 19 -17.64 -2.27 13.23
CA THR A 19 -16.84 -2.74 12.10
C THR A 19 -16.36 -1.53 11.33
N TYR A 20 -15.22 -1.71 10.67
CA TYR A 20 -14.49 -0.62 10.03
C TYR A 20 -14.18 -0.96 8.59
N ARG A 21 -13.71 0.05 7.87
CA ARG A 21 -13.31 -0.11 6.48
C ARG A 21 -12.16 0.85 6.21
N ILE A 22 -11.38 0.55 5.16
CA ILE A 22 -10.55 1.56 4.52
C ILE A 22 -11.42 2.18 3.42
N ALA A 23 -11.68 3.47 3.54
CA ALA A 23 -12.48 4.19 2.57
C ALA A 23 -11.66 4.59 1.35
N ARG A 24 -10.36 4.80 1.54
CA ARG A 24 -9.48 5.24 0.46
C ARG A 24 -8.07 4.90 0.86
N LEU A 25 -7.34 4.29 -0.05
CA LEU A 25 -5.91 4.04 0.09
C LEU A 25 -5.28 4.48 -1.22
N CYS A 26 -4.26 5.31 -1.11
CA CYS A 26 -3.53 5.82 -2.25
C CYS A 26 -2.05 5.48 -2.07
N LEU A 27 -1.48 4.80 -3.05
N LEU A 27 -1.46 4.82 -3.06
CA LEU A 27 -0.06 4.44 -3.05
CA LEU A 27 -0.06 4.43 -3.02
C LEU A 27 0.65 5.30 -4.09
C LEU A 27 0.70 5.22 -4.10
N GLN A 28 1.66 6.02 -3.66
CA GLN A 28 2.45 6.85 -4.55
C GLN A 28 3.86 6.28 -4.60
N PRO A 29 4.26 5.65 -5.70
CA PRO A 29 5.62 5.10 -5.77
C PRO A 29 6.64 6.23 -5.79
N THR A 30 7.74 5.99 -5.13
CA THR A 30 8.92 6.84 -5.18
C THR A 30 10.12 6.13 -5.77
N THR A 31 10.04 4.81 -5.94
CA THR A 31 11.17 4.00 -6.37
C THR A 31 10.69 2.75 -7.06
N PHE A 32 11.23 2.43 -8.23
CA PHE A 32 11.05 1.17 -8.90
C PHE A 32 12.42 0.53 -9.08
N LEU A 33 12.58 -0.67 -8.57
CA LEU A 33 13.82 -1.41 -8.70
C LEU A 33 13.54 -2.69 -9.48
N VAL A 34 14.49 -3.07 -10.33
N VAL A 34 14.43 -3.05 -10.40
CA VAL A 34 14.36 -4.26 -11.17
CA VAL A 34 14.31 -4.30 -11.12
C VAL A 34 15.57 -5.16 -10.92
C VAL A 34 15.53 -5.16 -10.79
N LYS A 35 15.34 -6.47 -10.84
CA LYS A 35 16.43 -7.38 -10.57
C LYS A 35 17.30 -7.58 -11.82
N GLU A 36 18.61 -7.39 -11.63
CA GLU A 36 19.62 -7.56 -12.68
C GLU A 36 20.84 -8.16 -12.01
N ASN A 37 21.40 -9.24 -12.57
CA ASN A 37 22.54 -9.93 -11.96
C ASN A 37 22.24 -10.33 -10.52
N GLY A 38 20.97 -10.61 -10.24
CA GLY A 38 20.57 -11.03 -8.90
C GLY A 38 20.31 -9.91 -7.90
N GLU A 39 20.50 -8.64 -8.29
CA GLU A 39 20.41 -7.46 -7.41
C GLU A 39 19.24 -6.61 -7.84
N PHE A 40 18.44 -6.10 -6.89
CA PHE A 40 17.44 -5.08 -7.24
C PHE A 40 18.14 -3.76 -7.44
N VAL A 41 18.12 -3.22 -8.65
CA VAL A 41 18.83 -1.99 -9.00
C VAL A 41 17.84 -0.88 -9.34
N PRO A 42 18.19 0.37 -9.06
CA PRO A 42 17.26 1.46 -9.38
C PRO A 42 17.07 1.65 -10.88
N THR A 43 15.91 2.19 -11.21
CA THR A 43 15.51 2.58 -12.55
C THR A 43 14.89 3.97 -12.48
N LYS A 44 14.85 4.65 -13.63
CA LYS A 44 14.28 5.99 -13.75
C LYS A 44 12.85 5.87 -14.21
N LEU A 45 11.96 6.58 -13.56
CA LEU A 45 10.57 6.57 -14.01
C LEU A 45 10.46 7.46 -15.25
N VAL A 46 9.86 6.92 -16.32
CA VAL A 46 9.71 7.65 -17.58
C VAL A 46 8.31 8.20 -17.70
N THR A 47 7.32 7.49 -17.15
CA THR A 47 5.94 7.94 -17.24
C THR A 47 5.82 9.33 -16.62
N ARG A 48 5.23 10.26 -17.38
CA ARG A 48 5.03 11.61 -16.89
C ARG A 48 3.69 11.79 -16.21
N GLU A 49 2.68 11.01 -16.59
CA GLU A 49 1.39 11.11 -15.94
C GLU A 49 1.48 10.53 -14.53
N THR A 50 0.38 10.61 -13.79
CA THR A 50 0.39 10.09 -12.42
C THR A 50 0.70 8.60 -12.46
N THR A 51 1.42 8.15 -11.44
CA THR A 51 1.77 6.75 -11.23
C THR A 51 1.13 6.19 -9.97
N SER A 52 0.27 6.96 -9.33
CA SER A 52 -0.29 6.54 -8.06
C SER A 52 -1.50 5.65 -8.29
N LEU A 53 -1.68 4.70 -7.37
CA LEU A 53 -2.87 3.87 -7.33
C LEU A 53 -3.75 4.43 -6.24
N ASP A 54 -4.98 4.78 -6.57
CA ASP A 54 -5.85 5.49 -5.63
C ASP A 54 -7.20 4.77 -5.57
N GLN A 55 -8.00 5.22 -4.60
CA GLN A 55 -9.40 4.85 -4.44
C GLN A 55 -9.55 3.42 -3.94
N ILE A 56 -8.46 2.80 -3.48
CA ILE A 56 -8.51 1.42 -2.97
C ILE A 56 -9.27 1.41 -1.65
N GLN A 57 -10.08 0.37 -1.45
CA GLN A 57 -11.06 0.40 -0.38
C GLN A 57 -11.54 -1.02 -0.11
N GLY A 58 -12.14 -1.20 1.06
CA GLY A 58 -12.67 -2.48 1.45
C GLY A 58 -12.80 -2.62 2.95
N GLU A 59 -13.43 -3.72 3.32
CA GLU A 59 -13.65 -4.05 4.72
C GLU A 59 -12.33 -4.25 5.47
N LEU A 60 -12.35 -3.88 6.76
CA LEU A 60 -11.32 -4.29 7.69
C LEU A 60 -11.94 -5.31 8.63
N LYS A 61 -11.59 -6.58 8.47
CA LYS A 61 -12.21 -7.65 9.24
C LYS A 61 -11.45 -7.86 10.54
N VAL A 62 -12.14 -8.40 11.53
CA VAL A 62 -11.53 -8.76 12.80
C VAL A 62 -11.29 -10.25 12.85
N ASN A 63 -10.10 -10.62 13.27
CA ASN A 63 -9.73 -12.00 13.42
C ASN A 63 -9.78 -12.39 14.90
N SER A 64 -9.64 -13.68 15.15
CA SER A 64 -9.82 -14.18 16.52
C SER A 64 -8.77 -13.64 17.48
N ASP A 65 -7.68 -13.07 16.98
CA ASP A 65 -6.61 -12.56 17.83
C ASP A 65 -6.61 -11.03 17.93
N GLY A 66 -7.66 -10.37 17.47
CA GLY A 66 -7.76 -8.92 17.56
C GLY A 66 -6.99 -8.18 16.46
N SER A 67 -6.26 -8.88 15.59
CA SER A 67 -5.73 -8.24 14.42
C SER A 67 -6.86 -7.84 13.47
N LEU A 68 -6.53 -6.92 12.57
CA LEU A 68 -7.41 -6.50 11.50
C LEU A 68 -6.85 -7.01 10.18
N THR A 69 -7.77 -7.42 9.30
CA THR A 69 -7.42 -7.81 7.94
C THR A 69 -8.14 -6.89 6.98
N PHE A 70 -7.37 -6.17 6.17
CA PHE A 70 -7.90 -5.40 5.06
C PHE A 70 -8.05 -6.30 3.85
N VAL A 71 -9.25 -6.28 3.27
CA VAL A 71 -9.59 -6.99 2.04
C VAL A 71 -9.89 -5.95 0.97
N GLU A 72 -9.04 -5.82 -0.05
CA GLU A 72 -9.35 -4.91 -1.13
C GLU A 72 -10.59 -5.40 -1.86
N GLU A 73 -11.54 -4.50 -2.08
CA GLU A 73 -12.79 -4.81 -2.77
C GLU A 73 -13.09 -3.91 -3.93
N ASP A 74 -12.49 -2.71 -3.98
CA ASP A 74 -12.59 -1.85 -5.14
C ASP A 74 -11.41 -0.90 -5.13
N GLY A 75 -11.26 -0.16 -6.23
CA GLY A 75 -10.20 0.81 -6.36
C GLY A 75 -9.68 0.81 -7.76
N ILE A 76 -8.75 1.72 -8.07
CA ILE A 76 -8.14 1.66 -9.38
C ILE A 76 -7.40 0.33 -9.50
N ASP A 77 -7.64 -0.43 -10.58
CA ASP A 77 -7.12 -1.80 -10.66
C ASP A 77 -5.61 -1.86 -10.87
N PHE A 78 -5.06 -0.99 -11.70
CA PHE A 78 -3.63 -1.00 -11.91
C PHE A 78 -3.26 0.32 -12.53
N GLN A 79 -1.97 0.62 -12.50
CA GLN A 79 -1.44 1.78 -13.21
C GLN A 79 -0.29 1.29 -14.09
N PRO A 80 -0.36 1.49 -15.40
CA PRO A 80 0.78 1.19 -16.26
C PRO A 80 1.87 2.22 -16.05
N VAL A 81 3.10 1.73 -15.94
CA VAL A 81 4.25 2.56 -15.70
C VAL A 81 5.33 2.07 -16.66
N THR A 82 6.16 2.99 -17.12
CA THR A 82 7.37 2.62 -17.84
C THR A 82 8.56 3.18 -17.07
N VAL A 83 9.55 2.32 -16.86
CA VAL A 83 10.80 2.71 -16.23
C VAL A 83 11.92 2.48 -17.21
N GLN A 84 13.04 3.13 -16.95
CA GLN A 84 14.19 3.05 -17.84
C GLN A 84 15.41 2.65 -17.04
N MET A 85 16.05 1.56 -17.44
N MET A 85 16.05 1.56 -17.45
CA MET A 85 17.28 1.16 -16.80
CA MET A 85 17.31 1.13 -16.89
C MET A 85 18.42 2.07 -17.23
C MET A 85 18.39 2.17 -17.18
N ALA A 86 19.45 2.11 -16.38
CA ALA A 86 20.60 2.98 -16.63
C ALA A 86 21.08 2.88 -18.06
N GLY A 87 21.16 1.65 -18.60
CA GLY A 87 21.64 1.48 -19.97
C GLY A 87 20.64 1.79 -21.05
N GLY A 88 19.44 2.25 -20.71
CA GLY A 88 18.47 2.75 -21.67
C GLY A 88 17.27 1.84 -21.92
N GLU A 89 17.35 0.57 -21.55
CA GLU A 89 16.23 -0.32 -21.78
C GLU A 89 14.99 0.19 -21.04
N ARG A 90 13.87 0.28 -21.76
CA ARG A 90 12.62 0.72 -21.18
C ARG A 90 11.74 -0.50 -20.91
N ILE A 91 11.20 -0.56 -19.70
CA ILE A 91 10.49 -1.74 -19.21
C ILE A 91 9.09 -1.28 -18.81
N PRO A 92 8.03 -1.80 -19.43
CA PRO A 92 6.68 -1.50 -18.96
C PRO A 92 6.28 -2.40 -17.81
N LEU A 93 5.67 -1.80 -16.80
CA LEU A 93 5.19 -2.49 -15.61
C LEU A 93 3.74 -2.08 -15.36
N LEU A 94 2.97 -2.99 -14.76
CA LEU A 94 1.63 -2.69 -14.25
C LEU A 94 1.72 -2.72 -12.72
N PHE A 95 1.72 -1.53 -12.10
CA PHE A 95 1.71 -1.36 -10.64
C PHE A 95 0.31 -1.64 -10.13
N THR A 96 0.18 -2.58 -9.19
CA THR A 96 -1.14 -3.05 -8.74
C THR A 96 -1.06 -3.61 -7.33
N VAL A 97 -2.20 -3.57 -6.64
CA VAL A 97 -2.41 -4.36 -5.44
C VAL A 97 -3.75 -5.08 -5.50
N LYS A 98 -4.19 -5.42 -6.70
CA LYS A 98 -5.50 -6.03 -6.84
C LYS A 98 -5.56 -7.34 -6.06
N ASN A 99 -6.66 -7.53 -5.33
CA ASN A 99 -6.91 -8.71 -4.51
C ASN A 99 -6.06 -8.72 -3.26
N LEU A 100 -5.57 -7.56 -2.83
CA LEU A 100 -4.78 -7.49 -1.63
C LEU A 100 -5.57 -8.00 -0.44
N VAL A 101 -4.93 -8.81 0.38
CA VAL A 101 -5.38 -9.19 1.72
C VAL A 101 -4.19 -8.94 2.62
N ALA A 102 -4.35 -8.05 3.59
CA ALA A 102 -3.22 -7.63 4.41
C ALA A 102 -3.67 -7.43 5.84
N SER A 103 -2.86 -7.91 6.77
CA SER A 103 -3.26 -7.96 8.17
C SER A 103 -2.26 -7.21 9.03
N THR A 104 -2.79 -6.75 10.19
CA THR A 104 -2.02 -6.08 11.21
C THR A 104 -1.50 -7.08 12.24
N GLN A 105 -0.77 -6.54 13.23
CA GLN A 105 -0.42 -7.26 14.44
C GLN A 105 -1.66 -7.58 15.26
N PRO A 106 -1.57 -8.51 16.20
CA PRO A 106 -2.73 -8.84 17.04
C PRO A 106 -3.10 -7.69 17.96
N ASN A 107 -4.30 -7.85 18.53
CA ASN A 107 -4.77 -7.04 19.64
C ASN A 107 -4.90 -5.58 19.27
N VAL A 108 -5.54 -5.32 18.12
CA VAL A 108 -5.75 -3.97 17.65
C VAL A 108 -6.74 -3.27 18.56
N THR A 109 -6.25 -2.26 19.27
CA THR A 109 -7.13 -1.41 20.04
C THR A 109 -7.18 -0.01 19.45
N SER A 110 -6.23 0.33 18.59
N SER A 110 -6.16 0.36 18.70
CA SER A 110 -6.14 1.63 17.93
CA SER A 110 -6.12 1.61 17.96
C SER A 110 -5.08 1.53 16.87
C SER A 110 -5.25 1.35 16.74
N ILE A 111 -5.27 2.30 15.81
CA ILE A 111 -4.29 2.44 14.77
C ILE A 111 -3.30 3.51 15.22
N THR A 112 -2.01 3.19 15.21
CA THR A 112 -0.96 4.08 15.70
C THR A 112 0.18 4.09 14.69
N THR A 113 1.20 4.89 15.01
CA THR A 113 2.38 4.95 14.16
C THR A 113 3.21 3.69 14.23
N SER A 114 2.90 2.71 15.08
CA SER A 114 3.58 1.42 15.07
C SER A 114 2.72 0.32 14.49
N THR A 115 1.55 0.64 13.93
CA THR A 115 0.74 -0.35 13.21
C THR A 115 1.38 -0.65 11.85
N ASP A 116 1.38 -1.93 11.48
CA ASP A 116 1.81 -2.37 10.16
C ASP A 116 0.70 -3.19 9.54
N PHE A 117 0.60 -3.19 8.21
CA PHE A 117 -0.19 -4.15 7.46
C PHE A 117 0.73 -4.92 6.53
N LYS A 118 0.58 -6.24 6.51
N LYS A 118 0.61 -6.24 6.54
CA LYS A 118 1.42 -7.07 5.65
CA LYS A 118 1.42 -7.09 5.67
C LYS A 118 0.57 -8.13 4.97
C LYS A 118 0.50 -8.06 4.95
N GLY A 119 0.75 -8.26 3.66
CA GLY A 119 -0.02 -9.26 2.94
C GLY A 119 0.41 -9.46 1.52
N GLU A 120 -0.47 -10.05 0.77
CA GLU A 120 -0.20 -10.52 -0.58
C GLU A 120 -1.33 -10.07 -1.48
N PHE A 121 -1.01 -9.97 -2.77
CA PHE A 121 -1.97 -9.64 -3.81
C PHE A 121 -1.65 -10.48 -5.03
N ASN A 122 -2.61 -10.57 -5.94
CA ASN A 122 -2.31 -11.35 -7.12
C ASN A 122 -3.38 -11.08 -8.14
N VAL A 123 -2.95 -10.84 -9.37
CA VAL A 123 -3.88 -10.50 -10.44
C VAL A 123 -3.19 -10.90 -11.73
N ASN A 124 -3.93 -11.63 -12.54
CA ASN A 124 -3.41 -12.15 -13.78
C ASN A 124 -2.09 -12.87 -13.52
N GLY A 125 -1.01 -12.43 -14.15
CA GLY A 125 0.25 -13.12 -13.98
C GLY A 125 1.12 -12.61 -12.86
N THR A 126 0.64 -11.67 -12.05
CA THR A 126 1.46 -11.04 -11.02
C THR A 126 1.08 -11.60 -9.65
N LYS A 127 2.08 -12.04 -8.91
CA LYS A 127 1.91 -12.46 -7.53
C LYS A 127 2.80 -11.57 -6.68
N GLY A 128 2.25 -11.03 -5.59
CA GLY A 128 3.03 -10.02 -4.93
C GLY A 128 2.85 -10.00 -3.43
N GLN A 129 3.78 -9.36 -2.79
CA GLN A 129 3.77 -9.14 -1.37
C GLN A 129 3.95 -7.65 -1.11
N ILE A 130 3.29 -7.14 -0.06
CA ILE A 130 3.42 -5.73 0.30
C ILE A 130 3.35 -5.56 1.81
N SER A 131 4.13 -4.62 2.29
CA SER A 131 4.09 -4.16 3.67
C SER A 131 3.77 -2.67 3.69
N LEU A 132 2.81 -2.27 4.52
N LEU A 132 2.83 -2.28 4.56
CA LEU A 132 2.47 -0.88 4.76
CA LEU A 132 2.45 -0.89 4.78
C LEU A 132 2.94 -0.55 6.18
C LEU A 132 2.86 -0.49 6.19
N ASN A 133 3.83 0.41 6.29
CA ASN A 133 4.39 0.88 7.56
C ASN A 133 3.71 2.21 7.87
N VAL A 134 2.73 2.20 8.78
CA VAL A 134 2.08 3.46 9.16
C VAL A 134 3.11 4.34 9.85
N ALA A 135 3.14 5.63 9.51
CA ALA A 135 4.06 6.59 10.11
C ALA A 135 3.39 7.77 10.78
N LYS A 136 2.12 8.05 10.49
CA LYS A 136 1.45 9.20 11.07
C LYS A 136 -0.04 8.89 11.05
N VAL A 137 -0.73 9.27 12.13
CA VAL A 137 -2.16 9.03 12.32
C VAL A 137 -2.82 10.31 12.79
N ASP A 138 -3.92 10.66 12.15
CA ASP A 138 -4.82 11.71 12.64
C ASP A 138 -6.01 11.03 13.31
N GLY A 139 -6.02 10.99 14.64
CA GLY A 139 -7.07 10.27 15.31
C GLY A 139 -8.43 10.92 15.16
N ARG A 140 -8.49 12.21 14.86
CA ARG A 140 -9.76 12.89 14.66
C ARG A 140 -10.42 12.47 13.37
N THR A 141 -9.62 12.36 12.30
CA THR A 141 -10.22 12.18 10.98
C THR A 141 -10.14 10.74 10.48
N GLY A 142 -9.34 9.89 11.11
CA GLY A 142 -9.09 8.54 10.57
C GLY A 142 -8.09 8.50 9.44
N GLU A 143 -7.45 9.60 9.14
CA GLU A 143 -6.46 9.62 8.08
C GLU A 143 -5.14 9.13 8.62
N ILE A 144 -4.45 8.34 7.80
CA ILE A 144 -3.14 7.83 8.13
C ILE A 144 -2.22 7.98 6.92
N ALA A 145 -0.92 7.97 7.20
CA ALA A 145 0.06 8.00 6.13
C ALA A 145 1.24 7.15 6.54
N GLY A 146 1.99 6.69 5.55
CA GLY A 146 3.14 5.87 5.83
C GLY A 146 3.89 5.56 4.57
N THR A 147 4.73 4.53 4.66
CA THR A 147 5.52 4.09 3.52
C THR A 147 5.17 2.63 3.21
N PHE A 148 5.40 2.23 1.97
CA PHE A 148 5.13 0.87 1.58
C PHE A 148 6.30 0.30 0.79
N GLU A 149 6.38 -1.02 0.78
N GLU A 149 6.40 -1.01 0.83
CA GLU A 149 7.35 -1.72 -0.06
CA GLU A 149 7.33 -1.78 0.03
C GLU A 149 6.70 -2.99 -0.56
C GLU A 149 6.56 -2.95 -0.56
N SER A 150 6.67 -3.15 -1.87
CA SER A 150 6.06 -4.31 -2.51
C SER A 150 7.10 -5.01 -3.37
N GLU A 151 6.90 -6.31 -3.50
CA GLU A 151 7.69 -7.12 -4.43
C GLU A 151 6.75 -7.92 -5.30
N GLN A 152 7.05 -8.03 -6.59
CA GLN A 152 6.18 -8.77 -7.50
C GLN A 152 6.95 -9.18 -8.74
N LEU A 153 6.27 -9.89 -9.63
CA LEU A 153 6.87 -10.32 -10.90
C LEU A 153 5.95 -9.87 -12.02
N SER A 154 6.18 -8.67 -12.55
CA SER A 154 5.32 -8.11 -13.60
C SER A 154 6.09 -8.03 -14.92
N ASN A 155 5.60 -8.75 -15.94
CA ASN A 155 6.11 -8.64 -17.30
C ASN A 155 7.49 -9.30 -17.45
N GLY A 156 7.69 -10.44 -16.79
CA GLY A 156 8.93 -11.18 -16.90
C GLY A 156 10.09 -10.64 -16.07
N HIS A 157 9.85 -9.64 -15.22
CA HIS A 157 10.88 -9.11 -14.36
C HIS A 157 10.45 -9.26 -12.90
N GLU A 158 11.43 -9.35 -12.02
CA GLU A 158 11.18 -9.22 -10.59
C GLU A 158 11.38 -7.76 -10.24
N VAL A 159 10.38 -7.17 -9.59
CA VAL A 159 10.33 -5.73 -9.37
C VAL A 159 10.04 -5.46 -7.89
N LYS A 160 10.75 -4.51 -7.34
CA LYS A 160 10.42 -3.95 -6.04
C LYS A 160 9.94 -2.53 -6.26
N ILE A 161 8.84 -2.18 -5.59
CA ILE A 161 8.29 -0.84 -5.67
C ILE A 161 8.20 -0.33 -4.24
N GLN A 162 8.66 0.87 -4.01
CA GLN A 162 8.54 1.47 -2.69
C GLN A 162 7.96 2.87 -2.85
N GLY A 163 7.35 3.37 -1.79
CA GLY A 163 6.84 4.72 -1.84
C GLY A 163 6.10 5.09 -0.58
N VAL A 164 5.24 6.12 -0.72
CA VAL A 164 4.45 6.66 0.37
C VAL A 164 3.00 6.33 0.12
N PHE A 165 2.21 6.30 1.19
CA PHE A 165 0.80 6.05 1.07
C PHE A 165 0.01 6.93 2.03
N TYR A 166 -1.25 7.12 1.66
CA TYR A 166 -2.27 7.82 2.43
C TYR A 166 -3.47 6.90 2.52
N ALA A 167 -4.13 6.86 3.67
CA ALA A 167 -5.38 6.11 3.75
C ALA A 167 -6.34 6.81 4.70
N SER A 168 -7.61 6.51 4.52
N SER A 168 -7.62 6.45 4.54
CA SER A 168 -8.64 6.95 5.45
CA SER A 168 -8.72 6.95 5.37
C SER A 168 -9.40 5.74 5.95
C SER A 168 -9.43 5.74 5.93
N ILE A 169 -9.52 5.65 7.27
CA ILE A 169 -10.23 4.57 7.96
C ILE A 169 -11.51 5.14 8.55
N GLU A 170 -12.60 4.39 8.49
CA GLU A 170 -13.83 4.89 9.10
C GLU A 170 -14.71 3.72 9.50
N PRO A 171 -15.71 3.95 10.35
CA PRO A 171 -16.69 2.89 10.63
C PRO A 171 -17.50 2.53 9.40
N ALA A 172 -17.97 1.30 9.35
CA ALA A 172 -18.84 0.83 8.28
C ALA A 172 -20.16 1.61 8.22
CA CA B . 5.68 2.81 11.76
#